data_4HVD
#
_entry.id   4HVD
#
_cell.length_a   46.816
_cell.length_b   75.416
_cell.length_c   89.392
_cell.angle_alpha   90.00
_cell.angle_beta   90.00
_cell.angle_gamma   90.00
#
_symmetry.space_group_name_H-M   'P 21 21 21'
#
loop_
_entity.id
_entity.type
_entity.pdbx_description
1 polymer 'Tyrosine-protein kinase JAK3'
2 non-polymer 1-phenylurea
3 non-polymer 2-cyclopropyl-N-[(2S)-3,3-dimethylbutan-2-yl]-5H-pyrrolo[2,3-b]pyrazine-7-carboxamide
4 water water
#
_entity_poly.entity_id   1
_entity_poly.type   'polypeptide(L)'
_entity_poly.pdbx_seq_one_letter_code
;CQDPTIFEERHLKYISQLGKGNFGSVELCRYDPLGDNTGALVAVKQLQHSGPDQQRDFQREIQILKALHSDFIVKYRGVS
YGPGRQSLRLVMEYLPSGCLRDFLQRHRARLDASRLLLYSSQICKGMEYLGSRRCVHRDLAARNILVESEAHVKIADFGL
AKLLPLDKDYYVVREPGQSPIFWYAPESLSDNIFSRQSDVWSFGVVLYELFTYCDKSCSPSAEFLRMMGSERDVPALSRL
LELLEEGQRLPAPPACPAEVHELMKLCWAPSPQDRPSFSALGPQLDMLWSGSRGCETHAFTAHPEGKHHSLSFS
;
_entity_poly.pdbx_strand_id   A
#
loop_
_chem_comp.id
_chem_comp.type
_chem_comp.name
_chem_comp.formula
933 non-polymer 2-cyclopropyl-N-[(2S)-3,3-dimethylbutan-2-yl]-5H-pyrrolo[2,3-b]pyrazine-7-carboxamide 'C16 H22 N4 O'
PHU non-polymer 1-phenylurea 'C7 H8 N2 O'
#
# COMPACT_ATOMS: atom_id res chain seq x y z
N THR A 5 -9.33 13.67 -19.80
CA THR A 5 -9.52 12.35 -19.13
C THR A 5 -9.43 11.20 -20.13
N ILE A 6 -9.54 11.53 -21.42
CA ILE A 6 -9.30 10.53 -22.46
C ILE A 6 -7.98 10.84 -23.17
N PHE A 7 -7.08 9.87 -23.14
CA PHE A 7 -5.75 9.99 -23.74
C PHE A 7 -5.71 9.15 -25.01
N GLU A 8 -5.23 9.73 -26.12
CA GLU A 8 -5.06 8.95 -27.35
C GLU A 8 -3.78 8.12 -27.28
N GLU A 9 -3.89 6.82 -27.59
CA GLU A 9 -2.75 5.91 -27.47
C GLU A 9 -1.55 6.32 -28.32
N ARG A 10 -1.81 6.80 -29.53
CA ARG A 10 -0.74 7.25 -30.44
C ARG A 10 0.12 8.37 -29.84
N HIS A 11 -0.44 9.10 -28.87
CA HIS A 11 0.27 10.21 -28.22
C HIS A 11 1.02 9.78 -26.96
N LEU A 12 0.77 8.57 -26.49
CA LEU A 12 1.47 8.03 -25.33
C LEU A 12 2.71 7.29 -25.82
N LYS A 13 3.88 7.84 -25.48
CA LYS A 13 5.15 7.33 -25.97
C LYS A 13 5.84 6.54 -24.87
N TYR A 14 6.16 5.29 -25.16
CA TYR A 14 6.76 4.40 -24.18
C TYR A 14 8.19 4.85 -23.85
N ILE A 15 8.50 4.89 -22.56
CA ILE A 15 9.87 5.20 -22.11
C ILE A 15 10.55 4.01 -21.43
N SER A 16 9.92 3.46 -20.39
CA SER A 16 10.51 2.38 -19.60
C SER A 16 9.46 1.68 -18.74
N GLN A 17 9.86 0.58 -18.13
CA GLN A 17 8.98 -0.12 -17.20
C GLN A 17 9.16 0.45 -15.80
N LEU A 18 8.04 0.68 -15.12
CA LEU A 18 8.06 1.15 -13.73
C LEU A 18 7.84 0.03 -12.72
N GLY A 19 6.96 -0.90 -13.06
CA GLY A 19 6.71 -2.01 -12.18
C GLY A 19 5.77 -3.02 -12.77
N LYS A 20 5.63 -4.12 -12.05
CA LYS A 20 4.72 -5.20 -12.42
C LYS A 20 4.12 -5.78 -11.15
N GLY A 21 3.28 -6.79 -11.30
CA GLY A 21 2.59 -7.37 -10.16
C GLY A 21 1.24 -7.91 -10.61
N ASN A 22 0.95 -9.13 -10.18
CA ASN A 22 -0.23 -9.87 -10.61
C ASN A 22 -0.21 -10.15 -12.11
N PHE A 23 -1.05 -9.42 -12.85
CA PHE A 23 -1.24 -9.67 -14.27
C PHE A 23 -1.27 -8.33 -15.03
N GLY A 24 -0.69 -7.30 -14.40
CA GLY A 24 -0.57 -5.97 -14.99
C GLY A 24 0.83 -5.39 -14.92
N SER A 25 1.08 -4.40 -15.77
CA SER A 25 2.34 -3.68 -15.73
C SER A 25 2.07 -2.17 -15.68
N VAL A 26 3.01 -1.45 -15.08
CA VAL A 26 2.99 0.02 -15.07
C VAL A 26 4.21 0.50 -15.86
N GLU A 27 3.95 1.36 -16.85
CA GLU A 27 5.00 1.90 -17.72
C GLU A 27 5.14 3.40 -17.57
N LEU A 28 6.37 3.89 -17.66
CA LEU A 28 6.61 5.32 -17.78
C LEU A 28 6.46 5.70 -19.24
N CYS A 29 5.54 6.63 -19.49
CA CYS A 29 5.27 7.11 -20.84
C CYS A 29 5.35 8.63 -20.84
N ARG A 30 5.56 9.21 -22.01
CA ARG A 30 5.39 10.64 -22.17
C ARG A 30 4.12 10.87 -22.98
N TYR A 31 3.21 11.67 -22.44
CA TYR A 31 2.05 12.07 -23.21
C TYR A 31 2.47 13.24 -24.10
N ASP A 32 2.71 12.93 -25.37
CA ASP A 32 3.41 13.85 -26.28
C ASP A 32 2.64 14.13 -27.58
N PRO A 33 1.50 14.86 -27.48
CA PRO A 33 0.71 15.14 -28.68
C PRO A 33 1.43 16.01 -29.72
N LEU A 34 2.44 16.75 -29.30
CA LEU A 34 3.25 17.52 -30.26
C LEU A 34 4.31 16.64 -30.92
N GLY A 35 4.59 15.48 -30.32
CA GLY A 35 5.58 14.54 -30.82
C GLY A 35 7.02 15.06 -30.81
N ASP A 36 7.31 15.99 -29.90
CA ASP A 36 8.60 16.67 -29.90
C ASP A 36 9.41 16.44 -28.61
N ASN A 37 8.95 15.47 -27.81
CA ASN A 37 9.55 15.15 -26.51
C ASN A 37 9.34 16.21 -25.43
N THR A 38 8.41 17.13 -25.63
CA THR A 38 8.16 18.17 -24.61
C THR A 38 6.99 17.86 -23.68
N GLY A 39 6.19 16.86 -24.05
CA GLY A 39 5.06 16.45 -23.24
C GLY A 39 5.40 16.00 -21.82
N ALA A 40 4.37 15.91 -20.99
CA ALA A 40 4.53 15.54 -19.58
C ALA A 40 4.63 14.02 -19.43
N LEU A 41 5.37 13.59 -18.40
CA LEU A 41 5.47 12.17 -18.08
C LEU A 41 4.25 11.67 -17.31
N VAL A 42 3.82 10.45 -17.62
CA VAL A 42 2.72 9.81 -16.92
C VAL A 42 3.06 8.34 -16.65
N ALA A 43 2.45 7.77 -15.62
CA ALA A 43 2.55 6.34 -15.37
C ALA A 43 1.31 5.71 -15.96
N VAL A 44 1.51 4.64 -16.73
CA VAL A 44 0.39 4.01 -17.43
C VAL A 44 0.31 2.53 -17.08
N LYS A 45 -0.84 2.13 -16.52
CA LYS A 45 -1.07 0.73 -16.16
C LYS A 45 -1.91 0.04 -17.23
N GLN A 46 -1.49 -1.16 -17.59
CA GLN A 46 -2.21 -1.99 -18.55
C GLN A 46 -2.16 -3.45 -18.13
N LEU A 47 -3.08 -4.22 -18.70
CA LEU A 47 -3.13 -5.64 -18.49
C LEU A 47 -2.32 -6.35 -19.59
N GLN A 48 -2.02 -7.62 -19.36
CA GLN A 48 -1.32 -8.46 -20.33
C GLN A 48 -2.03 -9.81 -20.39
N HIS A 49 -3.26 -9.83 -19.87
CA HIS A 49 -4.06 -11.04 -19.73
C HIS A 49 -5.45 -10.76 -20.29
N SER A 50 -5.82 -11.47 -21.36
CA SER A 50 -7.11 -11.23 -22.02
C SER A 50 -8.31 -11.75 -21.24
N GLY A 51 -8.03 -12.58 -20.23
CA GLY A 51 -9.04 -13.23 -19.39
C GLY A 51 -10.03 -12.23 -18.79
N PRO A 52 -11.33 -12.49 -18.98
CA PRO A 52 -12.43 -11.62 -18.53
C PRO A 52 -12.40 -11.31 -17.03
N ASP A 53 -11.89 -12.24 -16.23
CA ASP A 53 -11.77 -12.05 -14.78
C ASP A 53 -10.84 -10.88 -14.46
N GLN A 54 -9.66 -10.88 -15.10
CA GLN A 54 -8.67 -9.83 -14.93
C GLN A 54 -9.16 -8.50 -15.50
N GLN A 55 -9.75 -8.55 -16.70
CA GLN A 55 -10.24 -7.34 -17.36
C GLN A 55 -11.35 -6.67 -16.56
N ARG A 56 -12.22 -7.48 -15.97
CA ARG A 56 -13.28 -6.97 -15.10
C ARG A 56 -12.67 -6.36 -13.84
N ASP A 57 -11.65 -7.01 -13.30
CA ASP A 57 -10.95 -6.50 -12.12
C ASP A 57 -10.28 -5.16 -12.40
N PHE A 58 -9.61 -5.07 -13.55
CA PHE A 58 -8.96 -3.84 -14.01
C PHE A 58 -9.99 -2.71 -14.26
N GLN A 59 -11.12 -3.04 -14.88
CA GLN A 59 -12.24 -2.10 -15.04
C GLN A 59 -12.70 -1.56 -13.68
N ARG A 60 -12.80 -2.44 -12.70
CA ARG A 60 -13.19 -2.05 -11.34
C ARG A 60 -12.12 -1.19 -10.69
N GLU A 61 -10.86 -1.56 -10.89
CA GLU A 61 -9.72 -0.79 -10.37
C GLU A 61 -9.77 0.67 -10.84
N ILE A 62 -10.03 0.84 -12.14
CA ILE A 62 -10.13 2.17 -12.75
C ILE A 62 -11.28 2.98 -12.16
N GLN A 63 -12.44 2.35 -11.98
CA GLN A 63 -13.60 3.04 -11.40
C GLN A 63 -13.35 3.48 -9.96
N ILE A 64 -12.65 2.64 -9.20
CA ILE A 64 -12.27 2.97 -7.82
C ILE A 64 -11.33 4.17 -7.77
N LEU A 65 -10.24 4.12 -8.52
CA LEU A 65 -9.24 5.19 -8.48
C LEU A 65 -9.78 6.50 -9.02
N LYS A 66 -10.60 6.41 -10.08
CA LYS A 66 -11.23 7.59 -10.67
C LYS A 66 -12.04 8.38 -9.63
N ALA A 67 -12.70 7.65 -8.74
CA ALA A 67 -13.59 8.24 -7.74
C ALA A 67 -12.88 8.59 -6.42
N LEU A 68 -11.56 8.40 -6.37
CA LEU A 68 -10.79 8.75 -5.17
C LEU A 68 -10.09 10.10 -5.33
N HIS A 69 -10.35 11.01 -4.41
CA HIS A 69 -9.81 12.36 -4.47
C HIS A 69 -9.15 12.76 -3.16
N SER A 70 -7.84 12.55 -3.08
CA SER A 70 -7.11 12.75 -1.83
C SER A 70 -5.68 13.17 -2.12
N ASP A 71 -5.18 14.11 -1.33
CA ASP A 71 -3.76 14.49 -1.40
C ASP A 71 -2.84 13.30 -1.10
N PHE A 72 -3.39 12.27 -0.48
CA PHE A 72 -2.60 11.13 -0.04
C PHE A 72 -2.92 9.84 -0.79
N ILE A 73 -3.54 9.98 -1.97
CA ILE A 73 -3.77 8.85 -2.88
C ILE A 73 -3.29 9.24 -4.28
N VAL A 74 -2.56 8.32 -4.93
CA VAL A 74 -2.05 8.55 -6.28
C VAL A 74 -3.17 9.06 -7.21
N LYS A 75 -2.85 10.10 -7.98
CA LYS A 75 -3.85 10.79 -8.79
C LYS A 75 -4.17 10.09 -10.11
N TYR A 76 -5.45 9.74 -10.26
CA TYR A 76 -6.01 9.30 -11.52
C TYR A 76 -5.92 10.44 -12.51
N ARG A 77 -5.45 10.16 -13.73
CA ARG A 77 -5.39 11.18 -14.78
C ARG A 77 -6.41 10.94 -15.87
N GLY A 78 -6.55 9.68 -16.28
CA GLY A 78 -7.54 9.31 -17.28
C GLY A 78 -7.32 7.91 -17.80
N VAL A 79 -7.89 7.63 -18.97
CA VAL A 79 -7.75 6.34 -19.62
C VAL A 79 -7.38 6.49 -21.10
N SER A 80 -6.89 5.40 -21.68
CA SER A 80 -6.79 5.27 -23.14
C SER A 80 -7.43 3.96 -23.58
N TYR A 81 -8.14 3.99 -24.69
CA TYR A 81 -8.82 2.79 -25.21
C TYR A 81 -8.10 2.23 -26.42
N LEU A 88 -8.56 0.08 -21.73
CA LEU A 88 -7.34 -0.73 -22.00
C LEU A 88 -6.15 -0.25 -21.16
N ARG A 89 -6.02 1.06 -20.95
CA ARG A 89 -4.90 1.61 -20.15
C ARG A 89 -5.36 2.63 -19.11
N LEU A 90 -4.77 2.56 -17.93
CA LEU A 90 -5.04 3.50 -16.84
C LEU A 90 -3.90 4.52 -16.69
N VAL A 91 -4.22 5.79 -16.94
CA VAL A 91 -3.22 6.86 -16.90
C VAL A 91 -3.24 7.53 -15.52
N MET A 92 -2.06 7.59 -14.91
CA MET A 92 -1.89 8.14 -13.55
C MET A 92 -0.76 9.15 -13.56
N GLU A 93 -0.67 9.93 -12.49
CA GLU A 93 0.47 10.80 -12.31
C GLU A 93 1.75 9.97 -12.12
N TYR A 94 2.86 10.53 -12.58
CA TYR A 94 4.17 9.92 -12.40
C TYR A 94 4.90 10.64 -11.27
N LEU A 95 5.36 9.86 -10.30
CA LEU A 95 6.09 10.36 -9.13
C LEU A 95 7.51 9.82 -9.19
N PRO A 96 8.45 10.61 -9.74
CA PRO A 96 9.82 10.15 -10.01
C PRO A 96 10.61 9.71 -8.77
N SER A 97 10.22 10.18 -7.59
CA SER A 97 10.91 9.74 -6.36
C SER A 97 10.66 8.26 -6.05
N GLY A 98 9.66 7.67 -6.72
CA GLY A 98 9.44 6.22 -6.66
C GLY A 98 8.73 5.77 -5.40
N CYS A 99 8.89 4.49 -5.06
CA CYS A 99 8.22 3.97 -3.89
C CYS A 99 8.95 4.30 -2.59
N LEU A 100 8.19 4.39 -1.52
CA LEU A 100 8.67 4.71 -0.20
C LEU A 100 9.71 3.70 0.30
N ARG A 101 9.51 2.42 -0.01
CA ARG A 101 10.45 1.36 0.37
C ARG A 101 11.87 1.71 -0.08
N ASP A 102 12.01 2.07 -1.35
CA ASP A 102 13.30 2.43 -1.95
C ASP A 102 13.79 3.80 -1.45
N PHE A 103 12.85 4.73 -1.29
CA PHE A 103 13.16 6.07 -0.80
C PHE A 103 13.76 6.01 0.61
N LEU A 104 13.16 5.20 1.47
CA LEU A 104 13.64 5.02 2.84
C LEU A 104 15.07 4.47 2.87
N GLN A 105 15.29 3.40 2.10
CA GLN A 105 16.60 2.77 2.01
C GLN A 105 17.67 3.75 1.53
N ARG A 106 17.32 4.60 0.57
CA ARG A 106 18.28 5.54 -0.02
C ARG A 106 18.58 6.75 0.83
N HIS A 107 17.57 7.30 1.49
CA HIS A 107 17.71 8.57 2.20
C HIS A 107 17.73 8.40 3.71
N ARG A 108 17.93 7.15 4.14
CA ARG A 108 17.98 6.75 5.53
C ARG A 108 18.59 7.80 6.48
N ALA A 109 19.76 8.31 6.12
CA ALA A 109 20.52 9.21 7.00
C ALA A 109 20.00 10.65 7.08
N ARG A 110 18.99 10.97 6.28
CA ARG A 110 18.39 12.31 6.24
C ARG A 110 17.06 12.37 6.97
N LEU A 111 16.41 11.22 7.12
CA LEU A 111 15.04 11.18 7.62
C LEU A 111 15.01 10.82 9.10
N ASP A 112 14.63 11.80 9.93
CA ASP A 112 14.53 11.57 11.37
C ASP A 112 13.17 11.00 11.77
N ALA A 113 12.96 10.80 13.07
CA ALA A 113 11.72 10.18 13.57
C ALA A 113 10.48 11.03 13.29
N SER A 114 10.64 12.35 13.31
CA SER A 114 9.55 13.28 13.00
C SER A 114 9.06 13.05 11.59
N ARG A 115 10.01 12.95 10.66
CA ARG A 115 9.71 12.71 9.25
C ARG A 115 8.94 11.41 9.06
N LEU A 116 9.42 10.35 9.71
CA LEU A 116 8.78 9.05 9.65
C LEU A 116 7.34 9.12 10.17
N LEU A 117 7.15 9.91 11.23
CA LEU A 117 5.85 10.10 11.83
C LEU A 117 4.93 10.90 10.90
N LEU A 118 5.52 11.84 10.16
CA LEU A 118 4.79 12.58 9.14
C LEU A 118 4.27 11.65 8.05
N TYR A 119 5.15 10.82 7.48
CA TYR A 119 4.74 9.79 6.51
C TYR A 119 3.64 8.89 7.07
N SER A 120 3.83 8.42 8.30
CA SER A 120 2.86 7.59 9.01
C SER A 120 1.48 8.25 9.07
N SER A 121 1.48 9.53 9.40
CA SER A 121 0.25 10.34 9.53
C SER A 121 -0.46 10.48 8.18
N GLN A 122 0.33 10.71 7.13
CA GLN A 122 -0.21 10.87 5.79
C GLN A 122 -0.79 9.57 5.25
N ILE A 123 -0.09 8.46 5.49
CA ILE A 123 -0.61 7.15 5.07
C ILE A 123 -1.91 6.88 5.83
N CYS A 124 -1.92 7.19 7.12
CA CYS A 124 -3.09 6.99 7.97
C CYS A 124 -4.28 7.79 7.45
N LYS A 125 -4.05 9.05 7.08
CA LYS A 125 -5.11 9.92 6.57
C LYS A 125 -5.68 9.39 5.25
N GLY A 126 -4.81 8.92 4.36
CA GLY A 126 -5.26 8.31 3.10
C GLY A 126 -6.14 7.09 3.35
N MET A 127 -5.74 6.26 4.31
CA MET A 127 -6.49 5.06 4.70
C MET A 127 -7.81 5.37 5.39
N GLU A 128 -7.81 6.46 6.17
CA GLU A 128 -9.04 6.99 6.76
C GLU A 128 -10.03 7.40 5.66
N TYR A 129 -9.55 8.10 4.64
CA TYR A 129 -10.35 8.44 3.47
C TYR A 129 -10.84 7.19 2.74
N LEU A 130 -9.91 6.26 2.49
CA LEU A 130 -10.21 5.00 1.82
C LEU A 130 -11.35 4.26 2.54
N GLY A 131 -11.26 4.20 3.86
CA GLY A 131 -12.29 3.59 4.68
C GLY A 131 -13.64 4.27 4.55
N SER A 132 -13.62 5.61 4.52
CA SER A 132 -14.84 6.40 4.33
C SER A 132 -15.56 6.10 3.00
N ARG A 133 -14.81 5.60 2.02
CA ARG A 133 -15.35 5.24 0.71
C ARG A 133 -15.71 3.76 0.64
N ARG A 134 -15.57 3.07 1.77
CA ARG A 134 -15.84 1.63 1.90
C ARG A 134 -14.85 0.80 1.08
N CYS A 135 -13.65 1.35 0.89
CA CYS A 135 -12.62 0.69 0.11
C CYS A 135 -11.62 -0.01 1.02
N VAL A 136 -11.46 -1.31 0.80
CA VAL A 136 -10.42 -2.11 1.42
C VAL A 136 -9.27 -2.18 0.42
N HIS A 137 -8.09 -1.73 0.83
CA HIS A 137 -6.92 -1.71 -0.05
C HIS A 137 -6.37 -3.13 -0.32
N ARG A 138 -6.16 -3.90 0.75
CA ARG A 138 -5.80 -5.33 0.68
C ARG A 138 -4.31 -5.58 0.46
N ASP A 139 -3.57 -4.54 0.07
CA ASP A 139 -2.14 -4.71 -0.24
C ASP A 139 -1.26 -3.55 0.24
N LEU A 140 -1.57 -3.04 1.43
CA LEU A 140 -0.79 -1.96 2.01
C LEU A 140 0.60 -2.47 2.41
N ALA A 141 1.63 -1.76 1.94
CA ALA A 141 3.04 -2.09 2.18
C ALA A 141 3.88 -0.94 1.67
N ALA A 142 5.06 -0.71 2.26
CA ALA A 142 5.90 0.42 1.83
C ALA A 142 6.23 0.40 0.33
N ARG A 143 6.30 -0.78 -0.27
CA ARG A 143 6.57 -0.91 -1.70
C ARG A 143 5.41 -0.40 -2.57
N ASN A 144 4.25 -0.20 -1.95
CA ASN A 144 3.05 0.28 -2.64
C ASN A 144 2.65 1.71 -2.26
N ILE A 145 3.57 2.39 -1.60
CA ILE A 145 3.40 3.79 -1.25
C ILE A 145 4.39 4.59 -2.11
N LEU A 146 3.90 5.65 -2.74
CA LEU A 146 4.76 6.50 -3.57
C LEU A 146 5.16 7.77 -2.84
N VAL A 147 6.32 8.31 -3.24
CA VAL A 147 6.83 9.56 -2.67
C VAL A 147 6.62 10.71 -3.67
N GLU A 148 5.76 11.64 -3.27
CA GLU A 148 5.50 12.85 -4.04
C GLU A 148 6.64 13.85 -3.85
N SER A 149 7.04 14.06 -2.60
CA SER A 149 8.18 14.90 -2.27
C SER A 149 8.74 14.46 -0.92
N GLU A 150 9.84 15.10 -0.52
CA GLU A 150 10.50 14.86 0.78
C GLU A 150 9.51 14.80 1.94
N ALA A 151 8.46 15.61 1.90
CA ALA A 151 7.48 15.69 2.99
C ALA A 151 6.06 15.30 2.58
N HIS A 152 5.92 14.42 1.59
CA HIS A 152 4.60 14.03 1.08
C HIS A 152 4.61 12.65 0.43
N VAL A 153 3.85 11.73 1.02
CA VAL A 153 3.66 10.39 0.46
C VAL A 153 2.20 10.16 0.03
N LYS A 154 2.01 9.21 -0.88
CA LYS A 154 0.68 8.87 -1.40
C LYS A 154 0.54 7.36 -1.54
N ILE A 155 -0.64 6.86 -1.20
CA ILE A 155 -0.94 5.43 -1.34
C ILE A 155 -1.21 5.12 -2.81
N ALA A 156 -0.61 4.03 -3.30
CA ALA A 156 -0.85 3.53 -4.66
C ALA A 156 -1.19 2.05 -4.65
N ASP A 157 -1.15 1.44 -5.84
CA ASP A 157 -1.44 0.02 -6.07
C ASP A 157 -2.84 -0.41 -5.62
N PHE A 158 -3.84 -0.06 -6.42
CA PHE A 158 -5.22 -0.43 -6.13
C PHE A 158 -5.68 -1.67 -6.91
N GLY A 159 -4.71 -2.50 -7.34
CA GLY A 159 -4.99 -3.71 -8.11
C GLY A 159 -5.76 -4.81 -7.40
N LEU A 160 -5.69 -4.83 -6.07
CA LEU A 160 -6.46 -5.79 -5.26
C LEU A 160 -7.60 -5.14 -4.46
N ALA A 161 -7.77 -3.83 -4.61
CA ALA A 161 -8.76 -3.07 -3.83
C ALA A 161 -10.20 -3.51 -4.10
N LYS A 162 -11.00 -3.52 -3.04
CA LYS A 162 -12.40 -3.95 -3.11
C LYS A 162 -13.30 -2.94 -2.42
N LEU A 163 -14.49 -2.72 -2.99
CA LEU A 163 -15.51 -1.91 -2.36
C LEU A 163 -16.47 -2.77 -1.55
N LEU A 164 -16.61 -2.46 -0.26
CA LEU A 164 -17.49 -3.23 0.63
C LEU A 164 -18.96 -2.90 0.37
N PRO A 165 -19.82 -3.93 0.28
CA PRO A 165 -21.25 -3.63 0.19
C PRO A 165 -21.73 -2.88 1.45
N LEU A 166 -22.84 -2.17 1.33
CA LEU A 166 -23.32 -1.32 2.43
C LEU A 166 -23.65 -2.10 3.71
N ASP A 167 -24.05 -3.35 3.55
CA ASP A 167 -24.53 -4.16 4.68
C ASP A 167 -23.49 -5.14 5.22
N LYS A 168 -22.25 -5.01 4.75
CA LYS A 168 -21.19 -5.97 5.08
C LYS A 168 -19.85 -5.25 5.19
N ASP A 169 -19.13 -5.49 6.29
CA ASP A 169 -17.88 -4.78 6.57
C ASP A 169 -16.63 -5.62 6.33
N TYR A 170 -16.79 -6.75 5.64
CA TYR A 170 -15.68 -7.63 5.32
C TYR A 170 -15.87 -8.31 3.97
N TYR A 171 -14.78 -8.86 3.46
CA TYR A 171 -14.74 -9.49 2.16
C TYR A 171 -14.01 -10.81 2.30
N VAL A 172 -14.52 -11.85 1.63
CA VAL A 172 -13.84 -13.15 1.59
C VAL A 172 -13.40 -13.47 0.15
N VAL A 173 -12.11 -13.78 0.00
CA VAL A 173 -11.52 -14.06 -1.31
C VAL A 173 -11.43 -15.58 -1.51
N ARG A 174 -11.76 -16.05 -2.71
CA ARG A 174 -11.69 -17.47 -3.04
C ARG A 174 -10.24 -17.96 -3.21
N GLU A 175 -9.50 -17.32 -4.11
CA GLU A 175 -8.12 -17.73 -4.39
C GLU A 175 -7.16 -17.32 -3.27
N PRO A 176 -6.07 -18.09 -3.08
CA PRO A 176 -5.06 -17.69 -2.10
C PRO A 176 -4.36 -16.39 -2.52
N GLY A 177 -3.91 -15.63 -1.54
CA GLY A 177 -3.17 -14.39 -1.81
C GLY A 177 -1.81 -14.64 -2.46
N GLN A 178 -1.31 -13.64 -3.17
CA GLN A 178 -0.03 -13.76 -3.87
C GLN A 178 1.01 -12.73 -3.43
N SER A 179 0.67 -11.97 -2.39
CA SER A 179 1.57 -10.98 -1.81
C SER A 179 2.45 -11.62 -0.74
N PRO A 180 3.66 -11.05 -0.49
CA PRO A 180 4.49 -11.53 0.61
C PRO A 180 3.67 -11.67 1.89
N ILE A 181 3.75 -12.85 2.52
CA ILE A 181 2.78 -13.26 3.53
C ILE A 181 2.85 -12.48 4.84
N PHE A 182 3.92 -11.70 5.02
CA PHE A 182 4.21 -11.05 6.30
C PHE A 182 3.44 -9.76 6.57
N TRP A 183 2.60 -9.36 5.62
CA TRP A 183 1.74 -8.17 5.77
C TRP A 183 0.28 -8.53 6.03
N TYR A 184 -0.06 -9.82 5.91
CA TYR A 184 -1.43 -10.31 6.06
C TYR A 184 -1.87 -10.41 7.53
N ALA A 185 -3.11 -9.99 7.80
CA ALA A 185 -3.73 -10.21 9.09
C ALA A 185 -3.97 -11.72 9.29
N PRO A 186 -3.98 -12.19 10.57
CA PRO A 186 -4.20 -13.63 10.77
C PRO A 186 -5.51 -14.14 10.17
N GLU A 187 -6.57 -13.33 10.23
CA GLU A 187 -7.86 -13.74 9.66
C GLU A 187 -7.80 -13.86 8.12
N SER A 188 -6.87 -13.14 7.51
CA SER A 188 -6.66 -13.25 6.07
C SER A 188 -5.88 -14.54 5.79
N LEU A 189 -4.85 -14.79 6.61
CA LEU A 189 -4.05 -16.00 6.48
C LEU A 189 -4.90 -17.26 6.62
N SER A 190 -5.73 -17.28 7.65
CA SER A 190 -6.54 -18.46 7.98
C SER A 190 -7.81 -18.61 7.12
N ASP A 191 -8.53 -17.50 6.89
CA ASP A 191 -9.86 -17.60 6.29
C ASP A 191 -10.09 -16.72 5.04
N ASN A 192 -9.02 -16.11 4.54
CA ASN A 192 -9.09 -15.20 3.38
C ASN A 192 -10.04 -14.02 3.60
N ILE A 193 -10.15 -13.58 4.85
CA ILE A 193 -11.03 -12.49 5.24
C ILE A 193 -10.27 -11.17 5.18
N PHE A 194 -10.81 -10.22 4.42
CA PHE A 194 -10.23 -8.89 4.32
C PHE A 194 -11.25 -7.83 4.69
N SER A 195 -10.78 -6.80 5.39
CA SER A 195 -11.62 -5.72 5.87
C SER A 195 -10.76 -4.48 6.08
N ARG A 196 -11.40 -3.39 6.47
CA ARG A 196 -10.66 -2.18 6.83
C ARG A 196 -9.76 -2.43 8.05
N GLN A 197 -10.12 -3.40 8.89
CA GLN A 197 -9.33 -3.75 10.07
C GLN A 197 -8.12 -4.65 9.77
N SER A 198 -8.20 -5.44 8.70
CA SER A 198 -7.02 -6.15 8.22
C SER A 198 -6.04 -5.17 7.56
N ASP A 199 -6.57 -4.10 6.97
CA ASP A 199 -5.75 -2.98 6.48
C ASP A 199 -5.00 -2.33 7.64
N VAL A 200 -5.65 -2.22 8.80
CA VAL A 200 -5.00 -1.68 10.00
C VAL A 200 -3.79 -2.54 10.41
N TRP A 201 -3.99 -3.87 10.40
CA TRP A 201 -2.90 -4.82 10.67
C TRP A 201 -1.71 -4.57 9.76
N SER A 202 -1.97 -4.50 8.45
CA SER A 202 -0.95 -4.25 7.44
C SER A 202 -0.29 -2.89 7.67
N PHE A 203 -1.09 -1.89 8.04
CA PHE A 203 -0.56 -0.58 8.42
C PHE A 203 0.42 -0.69 9.59
N GLY A 204 0.14 -1.57 10.55
CA GLY A 204 1.09 -1.85 11.62
C GLY A 204 2.43 -2.29 11.04
N VAL A 205 2.39 -3.14 10.02
CA VAL A 205 3.63 -3.59 9.37
C VAL A 205 4.32 -2.46 8.60
N VAL A 206 3.53 -1.56 8.01
CA VAL A 206 4.07 -0.38 7.34
C VAL A 206 4.84 0.52 8.34
N LEU A 207 4.25 0.72 9.53
CA LEU A 207 4.94 1.42 10.62
C LEU A 207 6.29 0.75 10.93
N TYR A 208 6.29 -0.58 11.03
CA TYR A 208 7.52 -1.35 11.20
C TYR A 208 8.52 -1.05 10.07
N GLU A 209 8.05 -1.07 8.82
CA GLU A 209 8.91 -0.79 7.66
C GLU A 209 9.52 0.62 7.74
N LEU A 210 8.69 1.61 8.02
CA LEU A 210 9.13 2.99 8.18
C LEU A 210 10.23 3.09 9.23
N PHE A 211 10.00 2.49 10.40
CA PHE A 211 10.95 2.67 11.50
C PHE A 211 12.19 1.75 11.45
N THR A 212 12.20 0.80 10.51
CA THR A 212 13.40 0.04 10.14
C THR A 212 14.03 0.61 8.87
N TYR A 213 13.38 1.63 8.31
CA TYR A 213 13.77 2.21 7.00
C TYR A 213 13.84 1.16 5.90
N CYS A 214 12.94 0.18 5.96
CA CYS A 214 12.93 -0.98 5.05
C CYS A 214 14.30 -1.65 4.90
N ASP A 215 15.06 -1.69 5.99
CA ASP A 215 16.34 -2.42 6.00
C ASP A 215 16.04 -3.89 5.82
N LYS A 216 16.68 -4.50 4.82
CA LYS A 216 16.45 -5.90 4.48
C LYS A 216 16.78 -6.86 5.62
N SER A 217 17.84 -6.55 6.37
CA SER A 217 18.33 -7.45 7.43
C SER A 217 17.36 -7.60 8.60
N CYS A 218 16.53 -6.58 8.84
CA CYS A 218 15.47 -6.70 9.84
C CYS A 218 14.07 -6.59 9.25
N SER A 219 13.95 -6.95 7.97
CA SER A 219 12.66 -7.03 7.29
C SER A 219 11.76 -8.08 7.93
N PRO A 220 10.42 -7.95 7.74
CA PRO A 220 9.50 -8.97 8.23
C PRO A 220 9.91 -10.39 7.86
N SER A 221 10.37 -10.60 6.62
CA SER A 221 10.84 -11.91 6.18
C SER A 221 12.05 -12.40 6.98
N ALA A 222 13.03 -11.51 7.15
CA ALA A 222 14.26 -11.84 7.86
C ALA A 222 14.02 -12.24 9.31
N GLU A 223 13.07 -11.57 9.95
CA GLU A 223 12.69 -11.88 11.33
C GLU A 223 11.98 -13.23 11.47
N PHE A 224 11.10 -13.55 10.52
CA PHE A 224 10.39 -14.84 10.53
C PHE A 224 11.32 -16.04 10.38
N LEU A 225 12.31 -15.93 9.50
CA LEU A 225 13.30 -17.00 9.31
C LEU A 225 14.14 -17.20 10.57
N ARG A 226 14.30 -16.11 11.33
CA ARG A 226 14.98 -16.15 12.62
C ARG A 226 14.10 -16.84 13.65
N MET A 227 12.81 -16.50 13.64
CA MET A 227 11.83 -17.08 14.57
C MET A 227 11.41 -18.50 14.17
N MET A 228 11.79 -18.90 12.95
CA MET A 228 11.47 -20.22 12.36
C MET A 228 10.01 -20.37 11.93
N VAL A 234 6.93 -28.23 7.59
CA VAL A 234 5.74 -27.40 7.97
C VAL A 234 5.74 -26.10 7.16
N PRO A 235 4.63 -25.81 6.45
CA PRO A 235 4.52 -24.64 5.56
C PRO A 235 4.70 -23.31 6.29
N ALA A 236 5.40 -22.39 5.64
CA ALA A 236 5.67 -21.05 6.17
C ALA A 236 4.40 -20.35 6.66
N LEU A 237 3.34 -20.43 5.86
CA LEU A 237 2.08 -19.77 6.15
C LEU A 237 1.44 -20.31 7.44
N SER A 238 1.50 -21.63 7.60
CA SER A 238 1.01 -22.28 8.82
C SER A 238 1.86 -21.91 10.03
N ARG A 239 3.17 -21.94 9.85
CA ARG A 239 4.12 -21.52 10.89
C ARG A 239 3.87 -20.07 11.33
N LEU A 240 3.70 -19.17 10.36
CA LEU A 240 3.45 -17.76 10.64
C LEU A 240 2.15 -17.57 11.42
N LEU A 241 1.09 -18.25 10.99
CA LEU A 241 -0.17 -18.28 11.72
C LEU A 241 0.00 -18.70 13.18
N GLU A 242 0.74 -19.79 13.40
CA GLU A 242 1.02 -20.30 14.75
C GLU A 242 1.73 -19.27 15.61
N LEU A 243 2.83 -18.71 15.10
CA LEU A 243 3.59 -17.69 15.79
C LEU A 243 2.68 -16.54 16.22
N LEU A 244 1.85 -16.07 15.30
CA LEU A 244 0.94 -14.97 15.55
C LEU A 244 -0.15 -15.32 16.57
N GLU A 245 -0.69 -16.54 16.47
CA GLU A 245 -1.68 -17.05 17.39
C GLU A 245 -1.11 -17.15 18.81
N GLU A 246 0.16 -17.56 18.90
CA GLU A 246 0.91 -17.63 20.16
C GLU A 246 1.16 -16.27 20.78
N GLY A 247 0.95 -15.21 20.02
CA GLY A 247 1.17 -13.85 20.50
C GLY A 247 2.52 -13.28 20.11
N GLN A 248 3.31 -14.06 19.37
CA GLN A 248 4.60 -13.58 18.84
C GLN A 248 4.35 -12.41 17.90
N ARG A 249 5.19 -11.39 17.98
CA ARG A 249 5.12 -10.23 17.09
C ARG A 249 6.52 -9.79 16.67
N LEU A 250 6.59 -8.93 15.66
CA LEU A 250 7.86 -8.32 15.25
C LEU A 250 8.43 -7.46 16.40
N PRO A 251 9.76 -7.47 16.56
CA PRO A 251 10.37 -6.72 17.65
C PRO A 251 10.45 -5.22 17.34
N ALA A 252 10.51 -4.40 18.39
CA ALA A 252 10.71 -2.97 18.22
C ALA A 252 11.92 -2.74 17.33
N PRO A 253 11.76 -1.96 16.25
CA PRO A 253 12.89 -1.55 15.43
C PRO A 253 14.00 -0.89 16.26
N PRO A 254 15.27 -1.04 15.83
CA PRO A 254 16.36 -0.36 16.52
C PRO A 254 16.08 1.14 16.65
N ALA A 255 16.18 1.66 17.87
CA ALA A 255 15.97 3.09 18.19
C ALA A 255 14.53 3.59 18.00
N CYS A 256 13.59 2.65 17.87
CA CYS A 256 12.19 3.00 17.73
C CYS A 256 11.68 3.66 19.02
N PRO A 257 10.95 4.78 18.89
CA PRO A 257 10.30 5.35 20.08
C PRO A 257 9.28 4.35 20.64
N ALA A 258 9.25 4.22 21.97
CA ALA A 258 8.36 3.26 22.64
C ALA A 258 6.90 3.41 22.24
N GLU A 259 6.44 4.67 22.16
CA GLU A 259 5.06 4.97 21.80
C GLU A 259 4.69 4.51 20.39
N VAL A 260 5.66 4.62 19.47
CA VAL A 260 5.47 4.14 18.10
C VAL A 260 5.32 2.62 18.10
N HIS A 261 6.17 1.95 18.86
CA HIS A 261 6.11 0.49 19.01
C HIS A 261 4.79 0.02 19.65
N GLU A 262 4.31 0.78 20.62
CA GLU A 262 3.02 0.49 21.26
C GLU A 262 1.87 0.52 20.25
N LEU A 263 1.88 1.52 19.38
CA LEU A 263 0.88 1.64 18.31
C LEU A 263 0.93 0.49 17.33
N MET A 264 2.15 0.06 16.98
CA MET A 264 2.34 -1.14 16.19
C MET A 264 1.60 -2.33 16.79
N LYS A 265 1.86 -2.60 18.07
CA LYS A 265 1.27 -3.74 18.78
C LYS A 265 -0.26 -3.66 18.84
N LEU A 266 -0.80 -2.44 18.92
CA LEU A 266 -2.25 -2.26 18.94
C LEU A 266 -2.84 -2.58 17.57
N CYS A 267 -2.14 -2.19 16.51
CA CYS A 267 -2.51 -2.56 15.13
C CYS A 267 -2.48 -4.07 14.95
N TRP A 268 -1.61 -4.75 15.70
CA TRP A 268 -1.49 -6.20 15.64
C TRP A 268 -2.31 -6.95 16.69
N ALA A 269 -3.39 -6.33 17.18
CA ALA A 269 -4.33 -7.03 18.06
C ALA A 269 -4.89 -8.24 17.33
N PRO A 270 -4.91 -9.42 17.98
CA PRO A 270 -5.36 -10.64 17.29
C PRO A 270 -6.78 -10.56 16.73
N SER A 271 -7.71 -9.97 17.48
CA SER A 271 -9.08 -9.80 17.01
C SER A 271 -9.24 -8.46 16.29
N PRO A 272 -9.83 -8.48 15.07
CA PRO A 272 -9.96 -7.28 14.23
C PRO A 272 -10.72 -6.15 14.93
N GLN A 273 -11.69 -6.52 15.75
CA GLN A 273 -12.50 -5.54 16.50
C GLN A 273 -11.71 -4.83 17.60
N ASP A 274 -10.59 -5.41 18.01
CA ASP A 274 -9.73 -4.83 19.05
C ASP A 274 -8.62 -3.93 18.50
N ARG A 275 -8.49 -3.89 17.18
CA ARG A 275 -7.54 -2.99 16.52
C ARG A 275 -8.16 -1.60 16.43
N PRO A 276 -7.34 -0.55 16.66
CA PRO A 276 -7.87 0.80 16.53
C PRO A 276 -8.23 1.10 15.08
N SER A 277 -9.15 2.03 14.88
CA SER A 277 -9.47 2.49 13.52
C SER A 277 -8.41 3.47 13.06
N PHE A 278 -8.37 3.73 11.76
CA PHE A 278 -7.48 4.74 11.21
C PHE A 278 -7.82 6.14 11.75
N SER A 279 -9.11 6.42 11.93
CA SER A 279 -9.54 7.70 12.50
C SER A 279 -9.06 7.87 13.95
N ALA A 280 -8.95 6.77 14.68
CA ALA A 280 -8.40 6.78 16.04
C ALA A 280 -6.88 6.88 16.06
N LEU A 281 -6.23 6.21 15.11
CA LEU A 281 -4.77 6.24 14.97
C LEU A 281 -4.23 7.63 14.59
N GLY A 282 -4.95 8.32 13.71
CA GLY A 282 -4.55 9.62 13.16
C GLY A 282 -4.13 10.68 14.17
N PRO A 283 -5.03 11.03 15.12
CA PRO A 283 -4.71 12.00 16.18
C PRO A 283 -3.51 11.60 17.04
N GLN A 284 -3.35 10.30 17.24
CA GLN A 284 -2.23 9.78 18.05
C GLN A 284 -0.90 9.98 17.35
N LEU A 285 -0.86 9.71 16.04
CA LEU A 285 0.33 9.93 15.23
C LEU A 285 0.67 11.42 15.13
N ASP A 286 -0.35 12.27 15.03
CA ASP A 286 -0.17 13.73 15.01
C ASP A 286 0.42 14.24 16.32
N MET A 287 -0.06 13.68 17.43
CA MET A 287 0.45 14.03 18.76
C MET A 287 1.93 13.66 18.89
N LEU A 288 2.30 12.47 18.43
CA LEU A 288 3.68 12.02 18.48
C LEU A 288 4.58 12.85 17.57
N TRP A 289 4.06 13.24 16.42
CA TRP A 289 4.78 14.08 15.47
C TRP A 289 5.05 15.48 16.03
N SER A 290 4.07 16.01 16.77
CA SER A 290 4.23 17.30 17.43
C SER A 290 5.20 17.21 18.61
N GLY A 291 5.13 16.10 19.35
CA GLY A 291 6.04 15.86 20.47
C GLY A 291 7.43 15.46 20.03
C1 PHU B . 3.62 -9.36 12.76
C2 PHU B . 5.21 -11.03 11.83
C3 PHU B . 6.02 -11.10 10.70
C4 PHU B . 5.54 -11.77 12.96
C5 PHU B . 6.68 -12.57 12.94
C6 PHU B . 7.16 -11.89 10.68
C7 PHU B . 7.49 -12.63 11.81
N1 PHU B . 4.06 -10.21 11.78
N2 PHU B . 2.51 -8.63 12.52
O1 PHU B . 4.18 -9.25 13.85
N1 933 C . 5.02 6.91 -10.35
C2 933 C . 6.21 6.37 -10.11
C3 933 C . 6.35 5.02 -9.83
N4 933 C . 5.29 4.23 -9.83
C5 933 C . 3.93 6.13 -10.32
C6 933 C . 4.08 4.75 -10.07
C7 933 C . 2.73 4.17 -10.11
C8 933 C . 1.88 5.21 -10.39
N9 933 C . 2.59 6.37 -10.52
C10 933 C . 7.73 4.44 -9.58
C11 933 C . 7.88 3.36 -8.52
C12 933 C . 7.98 3.00 -10.00
C13 933 C . 2.43 2.76 -9.87
N14 933 C . 3.47 1.96 -9.55
O15 933 C . 1.28 2.33 -9.94
C16 933 C . 3.38 0.53 -9.22
C17 933 C . 3.63 0.36 -7.71
C18 933 C . 2.58 1.15 -6.92
C19 933 C . 3.51 -1.10 -7.27
C20 933 C . 5.02 0.87 -7.28
C21 933 C . 4.41 -0.24 -10.08
#